data_4NAR
#
_entry.id   4NAR
#
_cell.length_a   61.903
_cell.length_b   144.605
_cell.length_c   49.612
_cell.angle_alpha   90.000
_cell.angle_beta   90.000
_cell.angle_gamma   90.000
#
_symmetry.space_group_name_H-M   'P 21 21 2'
#
loop_
_entity.id
_entity.type
_entity.pdbx_description
1 polymer 'Putative uronate isomerase'
2 non-polymer 'SULFATE ION'
3 non-polymer 'ACETATE ION'
4 water water
#
_entity_poly.entity_id   1
_entity_poly.type   'polypeptide(L)'
_entity_poly.pdbx_seq_one_letter_code
;(MSE)TVYLEGDPLTEEKIKEGLSKLVEDLGKVKKVLVVHTDYTRVDFTHLVAKNLYRFLLERGLKEFHTLNASGTHRT
(MSE)KIEEFEKKLGISRNERRVFFHNHEFFNPEALAFVGTLPAGFVSE(MSE)TEGDLEEEIPIKVNRLLFEDFDAIFF
INGTVPHESTGFSGGLKIVIPGIASTEVVDTFHWAAVL(MSE)GIPKLIGTVDNPARKIINRASE(MSE)IFEKIKARSF
TLN(MSE)VYEEEEEVIPRALYIDEGYEGFLRAYEKACELSSQLHVKYIDRPLRRAVQVIGEEYDEVWTAGKGSYKLQRP
GV(MSE)AKGGQIIIYAPHIKRFHSNPQ(MSE)DKWIREIGYHCKDYVKWYLKKHPDFNKNVAAHVINVRGAGTFDPETG
KEEFEFDVILATSIPEDECRAVNLGY(MSE)DPSKIKKEDF(MSE)DEDSLWIVPGGKYLYDLKERRGLEHHHHHH
;
_entity_poly.pdbx_strand_id   A
#
# COMPACT_ATOMS: atom_id res chain seq x y z
N TYR A 4 6.13 19.77 -10.11
CA TYR A 4 7.34 19.12 -9.59
C TYR A 4 8.06 19.99 -8.52
N LEU A 5 7.45 20.10 -7.34
CA LEU A 5 7.96 20.94 -6.25
C LEU A 5 8.78 20.17 -5.21
N GLU A 6 9.74 20.84 -4.59
CA GLU A 6 10.61 20.22 -3.59
C GLU A 6 10.99 21.21 -2.46
N GLY A 7 11.15 20.71 -1.24
CA GLY A 7 11.59 21.50 -0.11
C GLY A 7 11.98 20.60 1.07
N ASP A 8 12.56 21.22 2.09
CA ASP A 8 12.85 20.53 3.33
C ASP A 8 12.71 21.57 4.44
N PRO A 9 11.48 21.76 4.94
CA PRO A 9 10.31 21.03 4.42
C PRO A 9 9.67 21.71 3.21
N LEU A 10 8.93 20.95 2.40
CA LEU A 10 8.11 21.52 1.33
C LEU A 10 6.93 22.23 1.99
N THR A 11 6.68 23.48 1.62
CA THR A 11 5.69 24.30 2.34
C THR A 11 4.33 24.33 1.68
N GLU A 12 3.30 24.54 2.50
CA GLU A 12 1.95 24.79 2.01
C GLU A 12 1.94 25.94 0.97
N GLU A 13 2.75 26.96 1.21
CA GLU A 13 2.81 28.09 0.29
C GLU A 13 3.29 27.67 -1.09
N LYS A 14 4.40 26.94 -1.15
CA LYS A 14 4.91 26.41 -2.41
C LYS A 14 3.89 25.47 -3.06
N ILE A 15 3.30 24.57 -2.26
CA ILE A 15 2.29 23.63 -2.75
C ILE A 15 1.15 24.39 -3.42
N LYS A 16 0.61 25.39 -2.70
CA LYS A 16 -0.43 26.28 -3.23
C LYS A 16 -0.08 26.93 -4.58
N GLU A 17 1.16 27.42 -4.71
CA GLU A 17 1.64 28.01 -5.96
C GLU A 17 1.59 26.98 -7.10
N GLY A 18 2.00 25.75 -6.80
CA GLY A 18 1.92 24.66 -7.75
C GLY A 18 0.50 24.34 -8.15
N LEU A 19 -0.38 24.20 -7.15
CA LEU A 19 -1.77 23.87 -7.40
C LEU A 19 -2.51 25.00 -8.13
N SER A 20 -2.18 26.24 -7.79
CA SER A 20 -2.78 27.39 -8.46
C SER A 20 -2.42 27.31 -9.94
N LYS A 21 -1.15 27.04 -10.20
CA LYS A 21 -0.63 26.92 -11.56
C LYS A 21 -1.38 25.83 -12.34
N LEU A 22 -1.48 24.64 -11.75
CA LEU A 22 -2.20 23.51 -12.37
C LEU A 22 -3.67 23.83 -12.69
N VAL A 23 -4.37 24.47 -11.74
CA VAL A 23 -5.78 24.85 -11.90
C VAL A 23 -5.95 25.92 -12.97
N GLU A 24 -5.01 26.85 -13.00
CA GLU A 24 -5.01 27.92 -14.00
C GLU A 24 -4.96 27.33 -15.41
N ASP A 25 -4.24 26.21 -15.57
CA ASP A 25 -4.14 25.54 -16.86
C ASP A 25 -5.34 24.64 -17.18
N LEU A 26 -6.19 24.38 -16.20
CA LEU A 26 -7.45 23.69 -16.47
C LEU A 26 -8.42 24.64 -17.17
N GLY A 27 -9.08 24.15 -18.20
CA GLY A 27 -9.95 25.00 -19.02
C GLY A 27 -11.39 25.02 -18.57
N LYS A 28 -11.99 23.84 -18.46
CA LYS A 28 -13.35 23.69 -17.99
C LYS A 28 -13.38 22.88 -16.69
N VAL A 29 -14.01 23.42 -15.65
CA VAL A 29 -14.26 22.61 -14.46
C VAL A 29 -15.63 22.85 -13.85
N LYS A 30 -16.54 21.92 -14.10
CA LYS A 30 -17.76 21.87 -13.30
C LYS A 30 -17.73 20.60 -12.44
N LYS A 31 -17.38 19.47 -13.05
CA LYS A 31 -17.32 18.17 -12.37
C LYS A 31 -15.88 17.64 -12.29
N VAL A 32 -15.41 17.39 -11.06
CA VAL A 32 -14.04 16.93 -10.81
C VAL A 32 -14.05 15.69 -9.90
N LEU A 33 -13.07 14.81 -10.07
CA LEU A 33 -12.92 13.65 -9.19
C LEU A 33 -11.54 13.64 -8.55
N VAL A 34 -11.52 13.48 -7.22
CA VAL A 34 -10.25 13.34 -6.51
C VAL A 34 -10.14 11.95 -5.91
N VAL A 35 -9.18 11.17 -6.41
CA VAL A 35 -8.86 9.85 -5.89
C VAL A 35 -7.71 10.02 -4.88
N HIS A 36 -7.90 9.52 -3.66
CA HIS A 36 -6.97 9.75 -2.55
C HIS A 36 -6.66 8.47 -1.79
N THR A 37 -5.61 8.53 -0.97
CA THR A 37 -5.21 7.44 -0.09
C THR A 37 -6.19 7.34 1.09
N ASP A 38 -6.09 6.26 1.86
CA ASP A 38 -7.07 6.04 2.95
C ASP A 38 -6.45 6.30 4.32
N TYR A 39 -7.21 6.01 5.38
CA TYR A 39 -6.80 6.30 6.77
C TYR A 39 -5.47 5.60 7.09
N THR A 40 -5.15 4.62 6.25
CA THR A 40 -3.97 3.76 6.38
C THR A 40 -2.69 4.51 6.01
N ARG A 41 -2.83 5.57 5.23
CA ARG A 41 -1.68 6.38 4.81
C ARG A 41 -1.57 7.69 5.58
N VAL A 42 -0.50 7.83 6.35
CA VAL A 42 -0.22 9.10 7.01
C VAL A 42 0.67 9.94 6.09
N ASP A 43 0.08 11.00 5.51
CA ASP A 43 0.74 11.82 4.51
C ASP A 43 0.20 13.24 4.59
N PHE A 44 0.49 14.07 3.58
CA PHE A 44 0.00 15.45 3.60
C PHE A 44 -1.13 15.74 2.59
N THR A 45 -1.93 14.70 2.29
CA THR A 45 -3.09 14.86 1.42
C THR A 45 -3.91 16.11 1.75
N HIS A 46 -4.18 16.29 3.04
CA HIS A 46 -5.01 17.39 3.51
C HIS A 46 -4.56 18.78 3.01
N LEU A 47 -3.24 18.97 2.91
CA LEU A 47 -2.69 20.21 2.34
C LEU A 47 -2.95 20.30 0.84
N VAL A 48 -2.96 19.14 0.17
CA VAL A 48 -3.15 19.15 -1.28
C VAL A 48 -4.63 19.26 -1.63
N ALA A 49 -5.44 18.37 -1.06
CA ALA A 49 -6.87 18.30 -1.37
C ALA A 49 -7.60 19.60 -1.06
N LYS A 50 -7.44 20.10 0.16
CA LYS A 50 -8.17 21.29 0.58
C LYS A 50 -7.83 22.52 -0.28
N ASN A 51 -6.57 22.64 -0.69
CA ASN A 51 -6.16 23.79 -1.51
C ASN A 51 -6.61 23.62 -2.95
N LEU A 52 -6.50 22.40 -3.46
CA LEU A 52 -7.02 22.08 -4.79
C LEU A 52 -8.49 22.46 -4.90
N TYR A 53 -9.27 22.06 -3.89
CA TYR A 53 -10.70 22.35 -3.86
C TYR A 53 -10.96 23.86 -3.80
N ARG A 54 -10.19 24.56 -2.98
CA ARG A 54 -10.37 26.00 -2.82
C ARG A 54 -10.22 26.74 -4.16
N PHE A 55 -9.09 26.51 -4.82
CA PHE A 55 -8.82 27.08 -6.12
C PHE A 55 -9.82 26.67 -7.18
N LEU A 56 -10.29 25.42 -7.09
CA LEU A 56 -11.32 24.94 -8.00
C LEU A 56 -12.62 25.71 -7.81
N LEU A 57 -12.97 26.03 -6.56
CA LEU A 57 -14.15 26.83 -6.30
C LEU A 57 -14.08 28.19 -7.01
N GLU A 58 -12.93 28.85 -6.88
CA GLU A 58 -12.70 30.18 -7.46
C GLU A 58 -12.85 30.23 -8.99
N ARG A 59 -12.67 29.09 -9.64
CA ARG A 59 -12.85 29.02 -11.08
C ARG A 59 -14.14 28.35 -11.52
N GLY A 60 -15.11 28.27 -10.60
CA GLY A 60 -16.46 27.83 -10.93
C GLY A 60 -16.75 26.34 -10.88
N LEU A 61 -16.07 25.63 -9.99
CA LEU A 61 -16.36 24.21 -9.75
C LEU A 61 -17.81 23.98 -9.31
N LYS A 62 -18.49 23.07 -9.98
CA LYS A 62 -19.86 22.71 -9.57
C LYS A 62 -19.90 21.47 -8.66
N GLU A 63 -19.07 20.48 -8.98
CA GLU A 63 -19.12 19.20 -8.29
C GLU A 63 -17.74 18.62 -7.97
N PHE A 64 -17.50 18.37 -6.70
CA PHE A 64 -16.21 17.90 -6.22
C PHE A 64 -16.44 16.52 -5.61
N HIS A 65 -16.17 15.48 -6.39
CA HIS A 65 -16.34 14.11 -5.93
C HIS A 65 -15.00 13.54 -5.46
N THR A 66 -15.04 12.69 -4.43
CA THR A 66 -13.81 12.01 -4.00
C THR A 66 -13.97 10.51 -3.96
N LEU A 67 -12.86 9.79 -4.15
CA LEU A 67 -12.87 8.33 -4.17
C LEU A 67 -11.72 7.85 -3.30
N ASN A 68 -12.07 7.05 -2.31
CA ASN A 68 -11.11 6.44 -1.44
C ASN A 68 -10.46 5.26 -2.11
N ALA A 69 -9.16 5.38 -2.43
CA ALA A 69 -8.41 4.26 -3.01
C ALA A 69 -8.14 3.21 -1.93
N SER A 70 -9.15 2.41 -1.61
CA SER A 70 -9.07 1.49 -0.46
C SER A 70 -8.21 0.23 -0.66
N GLY A 71 -8.10 -0.24 -1.90
CA GLY A 71 -7.64 -1.61 -2.11
C GLY A 71 -8.63 -2.56 -1.41
N THR A 72 -8.11 -3.56 -0.70
CA THR A 72 -9.00 -4.45 0.07
C THR A 72 -9.38 -3.92 1.45
N HIS A 73 -8.84 -2.75 1.82
CA HIS A 73 -9.07 -2.18 3.16
C HIS A 73 -10.52 -1.78 3.42
N ARG A 74 -10.85 -1.61 4.70
CA ARG A 74 -12.22 -1.28 5.12
C ARG A 74 -12.68 0.05 4.53
N THR A 75 -14.01 0.25 4.49
CA THR A 75 -14.56 1.52 4.10
C THR A 75 -14.25 2.54 5.19
N LYS A 77 -15.33 6.02 7.37
CA LYS A 77 -16.39 6.90 7.82
C LYS A 77 -16.24 8.30 7.21
N ILE A 78 -17.36 9.00 7.06
CA ILE A 78 -17.36 10.35 6.50
C ILE A 78 -16.36 11.25 7.22
N GLU A 79 -16.34 11.14 8.55
CA GLU A 79 -15.42 11.93 9.36
C GLU A 79 -13.95 11.70 8.95
N GLU A 80 -13.60 10.46 8.61
CA GLU A 80 -12.24 10.14 8.15
C GLU A 80 -11.90 10.79 6.80
N PHE A 81 -12.87 10.92 5.90
CA PHE A 81 -12.66 11.64 4.64
C PHE A 81 -12.31 13.08 4.96
N GLU A 82 -13.07 13.67 5.88
CA GLU A 82 -12.84 15.04 6.32
C GLU A 82 -11.42 15.23 6.83
N LYS A 83 -10.99 14.34 7.72
CA LYS A 83 -9.64 14.41 8.24
C LYS A 83 -8.60 14.27 7.13
N LYS A 84 -8.83 13.31 6.24
CA LYS A 84 -7.87 13.03 5.16
C LYS A 84 -7.75 14.19 4.16
N LEU A 85 -8.88 14.82 3.86
CA LEU A 85 -8.91 15.80 2.78
C LEU A 85 -8.75 17.23 3.30
N GLY A 86 -9.06 17.42 4.57
CA GLY A 86 -9.14 18.74 5.16
C GLY A 86 -10.33 19.49 4.58
N ILE A 87 -11.38 18.76 4.23
CA ILE A 87 -12.59 19.36 3.66
C ILE A 87 -13.80 18.91 4.48
N SER A 88 -14.72 19.83 4.78
CA SER A 88 -15.87 19.49 5.62
C SER A 88 -16.94 18.75 4.82
N ARG A 89 -17.64 17.83 5.49
CA ARG A 89 -18.77 17.14 4.88
C ARG A 89 -19.89 18.13 4.52
N ASN A 90 -19.90 19.27 5.21
CA ASN A 90 -21.00 20.21 5.05
C ASN A 90 -20.85 21.16 3.87
N GLU A 91 -19.82 20.97 3.05
CA GLU A 91 -19.77 21.71 1.80
C GLU A 91 -20.73 20.99 0.84
N ARG A 92 -21.72 21.69 0.30
CA ARG A 92 -22.41 21.08 -0.84
C ARG A 92 -21.51 21.37 -2.02
N ARG A 93 -21.64 20.57 -3.07
CA ARG A 93 -20.65 20.44 -4.17
C ARG A 93 -19.59 19.37 -3.84
N VAL A 94 -19.59 18.90 -2.59
CA VAL A 94 -18.63 17.88 -2.16
C VAL A 94 -19.29 16.52 -1.88
N PHE A 95 -18.76 15.47 -2.51
CA PHE A 95 -19.34 14.13 -2.39
C PHE A 95 -18.24 13.08 -2.20
N PHE A 96 -18.16 12.51 -1.00
CA PHE A 96 -17.21 11.45 -0.71
C PHE A 96 -17.74 10.13 -1.24
N HIS A 97 -16.84 9.26 -1.71
CA HIS A 97 -17.22 7.90 -2.10
C HIS A 97 -16.20 6.91 -1.54
N ASN A 98 -16.71 5.82 -1.00
CA ASN A 98 -15.85 4.67 -0.76
C ASN A 98 -15.73 3.85 -2.06
N HIS A 99 -14.62 3.12 -2.17
CA HIS A 99 -14.45 2.14 -3.26
C HIS A 99 -15.21 0.88 -2.82
N GLU A 100 -15.63 0.06 -3.79
CA GLU A 100 -16.33 -1.20 -3.50
C GLU A 100 -15.61 -2.35 -4.21
N PHE A 101 -14.43 -2.68 -3.69
CA PHE A 101 -13.48 -3.62 -4.27
C PHE A 101 -14.15 -4.94 -4.64
N PHE A 102 -15.06 -5.38 -3.76
CA PHE A 102 -15.62 -6.72 -3.86
C PHE A 102 -16.99 -6.70 -4.52
N ASN A 103 -17.41 -5.54 -5.03
CA ASN A 103 -18.73 -5.43 -5.64
C ASN A 103 -18.65 -5.29 -7.16
N PRO A 104 -19.00 -6.38 -7.88
CA PRO A 104 -18.91 -6.39 -9.34
C PRO A 104 -19.64 -5.22 -9.97
N GLU A 105 -20.75 -4.84 -9.35
CA GLU A 105 -21.59 -3.79 -9.93
C GLU A 105 -20.94 -2.40 -9.87
N ALA A 106 -19.97 -2.22 -8.97
CA ALA A 106 -19.26 -0.96 -8.82
C ALA A 106 -18.12 -0.80 -9.84
N LEU A 107 -17.81 -1.89 -10.55
CA LEU A 107 -16.62 -1.91 -11.39
C LEU A 107 -16.94 -1.85 -12.87
N ALA A 108 -16.00 -1.29 -13.63
CA ALA A 108 -16.08 -1.29 -15.09
C ALA A 108 -15.01 -2.22 -15.64
N PHE A 109 -15.38 -3.08 -16.57
CA PHE A 109 -14.41 -3.92 -17.26
C PHE A 109 -13.70 -3.07 -18.32
N VAL A 110 -12.38 -3.05 -18.33
CA VAL A 110 -11.70 -2.29 -19.39
C VAL A 110 -11.00 -3.16 -20.43
N GLY A 111 -10.74 -4.41 -20.08
CA GLY A 111 -10.00 -5.30 -20.96
C GLY A 111 -9.25 -6.37 -20.17
N THR A 112 -8.50 -7.22 -20.86
CA THR A 112 -7.78 -8.30 -20.19
C THR A 112 -6.28 -8.19 -20.37
N LEU A 113 -5.52 -8.70 -19.40
CA LEU A 113 -4.11 -9.03 -19.60
C LEU A 113 -4.05 -10.39 -20.33
N PRO A 114 -3.26 -10.48 -21.41
CA PRO A 114 -3.11 -11.75 -22.12
C PRO A 114 -2.38 -12.84 -21.32
N ALA A 115 -2.76 -14.09 -21.56
CA ALA A 115 -2.28 -15.24 -20.79
C ALA A 115 -0.77 -15.40 -20.82
N GLY A 116 -0.17 -15.15 -21.99
CA GLY A 116 1.27 -15.26 -22.14
C GLY A 116 2.02 -14.37 -21.17
N PHE A 117 1.68 -13.09 -21.16
CA PHE A 117 2.27 -12.11 -20.27
C PHE A 117 2.02 -12.47 -18.79
N VAL A 118 0.77 -12.85 -18.48
CA VAL A 118 0.41 -13.26 -17.12
C VAL A 118 1.27 -14.44 -16.65
N SER A 119 1.37 -15.44 -17.51
CA SER A 119 2.22 -16.61 -17.28
C SER A 119 3.67 -16.19 -17.02
N GLU A 120 4.19 -15.27 -17.83
CA GLU A 120 5.58 -14.83 -17.69
C GLU A 120 5.87 -14.07 -16.39
N THR A 122 4.21 -14.69 -13.65
CA THR A 122 3.93 -15.61 -12.54
C THR A 122 4.59 -17.00 -12.69
N GLU A 123 5.68 -17.07 -13.45
CA GLU A 123 6.36 -18.35 -13.69
C GLU A 123 5.40 -19.44 -14.19
N GLY A 124 4.41 -19.05 -14.99
CA GLY A 124 3.41 -19.97 -15.49
C GLY A 124 2.39 -20.44 -14.44
N ASP A 125 2.47 -19.92 -13.22
CA ASP A 125 1.53 -20.35 -12.19
C ASP A 125 0.06 -20.07 -12.55
N LEU A 126 -0.20 -18.96 -13.25
CA LEU A 126 -1.60 -18.61 -13.57
C LEU A 126 -2.07 -19.10 -14.94
N GLU A 127 -1.38 -18.66 -16.00
CA GLU A 127 -1.66 -19.11 -17.36
C GLU A 127 -3.12 -18.92 -17.82
N GLU A 128 -3.61 -17.69 -17.71
CA GLU A 128 -4.93 -17.34 -18.23
C GLU A 128 -5.03 -15.83 -18.46
N GLU A 129 -6.04 -15.43 -19.24
CA GLU A 129 -6.38 -14.01 -19.42
C GLU A 129 -6.92 -13.45 -18.11
N ILE A 130 -6.40 -12.30 -17.68
CA ILE A 130 -6.82 -11.67 -16.44
C ILE A 130 -7.65 -10.43 -16.76
N PRO A 131 -8.93 -10.42 -16.33
CA PRO A 131 -9.76 -9.24 -16.60
C PRO A 131 -9.33 -8.06 -15.71
N ILE A 132 -9.36 -6.85 -16.27
CA ILE A 132 -9.06 -5.64 -15.51
C ILE A 132 -10.34 -4.87 -15.24
N LYS A 133 -10.71 -4.76 -13.97
CA LYS A 133 -11.94 -4.08 -13.58
C LYS A 133 -11.66 -3.03 -12.50
N VAL A 134 -12.06 -1.79 -12.78
CA VAL A 134 -11.82 -0.70 -11.85
C VAL A 134 -13.11 0.10 -11.59
N ASN A 135 -13.09 0.90 -10.51
CA ASN A 135 -14.28 1.64 -10.12
C ASN A 135 -14.83 2.39 -11.30
N ARG A 136 -16.15 2.28 -11.53
CA ARG A 136 -16.73 2.84 -12.75
C ARG A 136 -16.73 4.37 -12.73
N LEU A 137 -16.50 4.95 -11.56
CA LEU A 137 -16.36 6.42 -11.45
C LEU A 137 -15.31 7.00 -12.39
N LEU A 138 -14.21 6.27 -12.60
CA LEU A 138 -13.18 6.71 -13.54
C LEU A 138 -13.70 7.10 -14.92
N PHE A 139 -14.87 6.58 -15.31
CA PHE A 139 -15.35 6.75 -16.68
C PHE A 139 -16.60 7.58 -16.82
N GLU A 140 -17.01 8.24 -15.75
CA GLU A 140 -18.15 9.16 -15.78
C GLU A 140 -17.74 10.51 -16.37
N ASP A 141 -18.70 11.43 -16.50
CA ASP A 141 -18.43 12.72 -17.14
C ASP A 141 -17.61 13.69 -16.28
N PHE A 142 -16.37 13.33 -15.98
CA PHE A 142 -15.50 14.27 -15.25
C PHE A 142 -14.65 15.11 -16.18
N ASP A 143 -14.42 16.36 -15.79
CA ASP A 143 -13.56 17.24 -16.58
C ASP A 143 -12.10 17.04 -16.22
N ALA A 144 -11.86 16.63 -14.97
CA ALA A 144 -10.52 16.32 -14.52
C ALA A 144 -10.56 15.31 -13.40
N ILE A 145 -9.56 14.45 -13.37
CA ILE A 145 -9.40 13.49 -12.29
C ILE A 145 -8.02 13.67 -11.70
N PHE A 146 -7.97 13.89 -10.40
CA PHE A 146 -6.72 14.16 -9.69
C PHE A 146 -6.43 13.00 -8.80
N PHE A 147 -5.29 12.36 -9.01
CA PHE A 147 -4.91 11.25 -8.16
C PHE A 147 -3.80 11.74 -7.22
N ILE A 148 -4.11 11.91 -5.94
CA ILE A 148 -3.11 12.30 -4.96
C ILE A 148 -2.55 11.00 -4.37
N ASN A 149 -1.35 10.63 -4.81
CA ASN A 149 -0.76 9.37 -4.36
C ASN A 149 0.54 9.65 -3.59
N GLY A 150 1.12 8.63 -2.97
CA GLY A 150 2.33 8.82 -2.18
C GLY A 150 3.31 7.69 -2.37
N THR A 151 4.60 8.05 -2.35
CA THR A 151 5.65 7.09 -2.70
C THR A 151 6.58 6.75 -1.53
N VAL A 152 6.69 5.45 -1.27
CA VAL A 152 7.40 4.91 -0.12
C VAL A 152 7.79 3.48 -0.51
N PRO A 153 8.86 2.93 0.10
CA PRO A 153 9.22 1.56 -0.30
C PRO A 153 8.10 0.58 0.07
N HIS A 154 7.81 -0.38 -0.79
CA HIS A 154 6.65 -1.24 -0.60
C HIS A 154 6.96 -2.71 -0.87
N GLU A 155 6.38 -3.57 -0.02
CA GLU A 155 6.66 -4.99 -0.01
C GLU A 155 6.15 -5.76 -1.25
N SER A 156 5.16 -5.19 -1.95
CA SER A 156 4.57 -5.85 -3.11
C SER A 156 4.85 -5.13 -4.45
N THR A 157 5.05 -3.82 -4.40
CA THR A 157 5.24 -3.05 -5.63
C THR A 157 6.57 -2.31 -5.72
N GLY A 158 7.58 -2.78 -4.97
CA GLY A 158 8.88 -2.11 -4.89
C GLY A 158 8.77 -0.77 -4.19
N PHE A 159 7.99 0.13 -4.77
CA PHE A 159 7.66 1.40 -4.15
C PHE A 159 6.15 1.59 -4.29
N SER A 160 5.55 2.41 -3.43
CA SER A 160 4.13 2.79 -3.59
C SER A 160 4.05 4.06 -4.44
N GLY A 161 2.83 4.51 -4.74
CA GLY A 161 2.65 5.73 -5.51
C GLY A 161 2.44 5.50 -6.99
N GLY A 162 2.31 6.58 -7.74
CA GLY A 162 1.97 6.47 -9.15
C GLY A 162 0.75 5.59 -9.37
N LEU A 163 0.85 4.68 -10.34
CA LEU A 163 -0.30 3.86 -10.73
C LEU A 163 -0.75 2.87 -9.65
N LYS A 164 0.01 2.77 -8.55
CA LYS A 164 -0.43 1.89 -7.47
C LYS A 164 -1.76 2.39 -6.88
N ILE A 165 -2.00 3.71 -6.97
CA ILE A 165 -3.27 4.23 -6.53
C ILE A 165 -4.43 3.74 -7.40
N VAL A 166 -4.17 3.39 -8.66
CA VAL A 166 -5.23 2.84 -9.49
C VAL A 166 -5.38 1.34 -9.19
N ILE A 167 -4.25 0.62 -9.22
CA ILE A 167 -4.21 -0.80 -8.92
C ILE A 167 -3.13 -1.02 -7.86
N PRO A 168 -3.50 -1.52 -6.65
CA PRO A 168 -4.83 -2.06 -6.29
C PRO A 168 -5.88 -1.04 -5.86
N GLY A 169 -5.49 0.23 -5.70
CA GLY A 169 -6.31 1.26 -5.07
C GLY A 169 -7.81 1.24 -5.34
N ILE A 170 -8.19 1.19 -6.61
CA ILE A 170 -9.59 1.25 -6.98
C ILE A 170 -9.91 0.15 -7.98
N ALA A 171 -9.27 -0.98 -7.80
CA ALA A 171 -9.40 -2.09 -8.73
C ALA A 171 -10.21 -3.22 -8.08
N SER A 172 -9.85 -4.46 -8.41
CA SER A 172 -10.55 -5.59 -7.87
C SER A 172 -9.70 -6.85 -7.89
N THR A 173 -10.36 -7.95 -7.52
CA THR A 173 -9.72 -9.18 -7.11
C THR A 173 -8.73 -9.81 -8.08
N GLU A 174 -9.14 -9.99 -9.34
CA GLU A 174 -8.35 -10.80 -10.25
C GLU A 174 -6.99 -10.20 -10.51
N VAL A 175 -6.94 -8.93 -10.93
CA VAL A 175 -5.66 -8.32 -11.26
C VAL A 175 -4.79 -8.13 -10.01
N VAL A 176 -5.42 -7.87 -8.87
CA VAL A 176 -4.70 -7.64 -7.63
C VAL A 176 -4.09 -8.96 -7.08
N ASP A 177 -4.85 -10.05 -7.18
CA ASP A 177 -4.33 -11.36 -6.81
C ASP A 177 -3.07 -11.67 -7.62
N THR A 178 -3.17 -11.39 -8.93
CA THR A 178 -2.12 -11.67 -9.89
C THR A 178 -0.83 -10.91 -9.58
N PHE A 179 -0.94 -9.61 -9.30
CA PHE A 179 0.31 -8.90 -9.03
C PHE A 179 0.91 -9.28 -7.67
N HIS A 180 0.05 -9.51 -6.68
CA HIS A 180 0.53 -9.93 -5.37
C HIS A 180 1.28 -11.27 -5.47
N TRP A 181 0.75 -12.21 -6.26
CA TRP A 181 1.39 -13.50 -6.40
C TRP A 181 2.68 -13.40 -7.20
N ALA A 182 2.65 -12.63 -8.29
CA ALA A 182 3.85 -12.36 -9.09
C ALA A 182 4.95 -11.82 -8.19
N ALA A 183 4.58 -10.87 -7.33
CA ALA A 183 5.53 -10.22 -6.43
C ALA A 183 6.13 -11.19 -5.44
N VAL A 184 5.29 -12.02 -4.83
CA VAL A 184 5.78 -12.91 -3.78
C VAL A 184 6.69 -14.03 -4.32
N LEU A 185 6.53 -14.39 -5.58
CA LEU A 185 7.43 -15.35 -6.21
C LEU A 185 8.86 -14.79 -6.27
N GLY A 187 9.68 -12.23 -4.21
CA GLY A 187 9.87 -12.19 -2.77
C GLY A 187 10.40 -10.86 -2.26
N ILE A 188 9.91 -10.46 -1.09
CA ILE A 188 10.28 -9.19 -0.46
C ILE A 188 11.78 -8.87 -0.46
N PRO A 189 12.64 -9.80 0.04
CA PRO A 189 14.06 -9.46 0.11
C PRO A 189 14.63 -8.91 -1.20
N LYS A 190 14.28 -9.51 -2.34
CA LYS A 190 14.74 -8.99 -3.63
C LYS A 190 13.93 -7.78 -4.12
N LEU A 191 12.63 -7.82 -3.85
CA LEU A 191 11.69 -6.87 -4.48
C LEU A 191 11.61 -5.48 -3.81
N ILE A 192 11.43 -5.46 -2.49
CA ILE A 192 11.16 -4.18 -1.81
C ILE A 192 12.22 -3.10 -2.13
N GLY A 193 11.75 -1.88 -2.38
CA GLY A 193 12.66 -0.78 -2.73
C GLY A 193 13.34 -0.86 -4.10
N THR A 194 12.74 -1.59 -5.04
CA THR A 194 13.17 -1.57 -6.45
C THR A 194 12.14 -0.80 -7.28
N VAL A 195 12.61 0.05 -8.20
CA VAL A 195 11.71 0.82 -9.05
C VAL A 195 10.89 -0.09 -9.96
N ASP A 196 11.54 -1.08 -10.56
CA ASP A 196 10.93 -1.96 -11.56
C ASP A 196 10.93 -3.41 -11.05
N ASN A 197 9.92 -4.18 -11.43
CA ASN A 197 9.68 -5.53 -10.89
C ASN A 197 8.37 -6.08 -11.48
N PRO A 198 8.07 -7.37 -11.24
CA PRO A 198 6.89 -7.94 -11.94
C PRO A 198 5.56 -7.23 -11.68
N ALA A 199 5.26 -6.91 -10.42
CA ALA A 199 3.99 -6.26 -10.05
C ALA A 199 3.86 -4.90 -10.73
N ARG A 200 4.96 -4.16 -10.75
CA ARG A 200 5.02 -2.86 -11.39
C ARG A 200 4.77 -3.03 -12.93
N LYS A 201 5.33 -4.08 -13.53
CA LYS A 201 5.03 -4.39 -14.95
C LYS A 201 3.55 -4.67 -15.20
N ILE A 202 2.95 -5.51 -14.35
CA ILE A 202 1.53 -5.85 -14.44
C ILE A 202 0.65 -4.59 -14.28
N ILE A 203 0.99 -3.80 -13.27
CA ILE A 203 0.25 -2.59 -12.95
C ILE A 203 0.28 -1.60 -14.12
N ASN A 204 1.46 -1.41 -14.70
CA ASN A 204 1.61 -0.47 -15.82
C ASN A 204 0.90 -0.96 -17.06
N ARG A 205 1.00 -2.26 -17.32
CA ARG A 205 0.37 -2.85 -18.51
C ARG A 205 -1.14 -2.69 -18.45
N ALA A 206 -1.73 -3.01 -17.30
CA ALA A 206 -3.18 -2.88 -17.11
C ALA A 206 -3.66 -1.41 -17.15
N SER A 207 -2.86 -0.51 -16.56
CA SER A 207 -3.25 0.89 -16.48
C SER A 207 -3.33 1.55 -17.84
N GLU A 208 -2.53 1.05 -18.78
CA GLU A 208 -2.57 1.55 -20.15
C GLU A 208 -4.00 1.47 -20.70
N ILE A 210 -6.69 1.24 -19.04
CA ILE A 210 -7.54 2.10 -18.23
C ILE A 210 -7.48 3.54 -18.72
N PHE A 211 -6.27 4.09 -18.81
CA PHE A 211 -6.13 5.50 -19.19
C PHE A 211 -6.61 5.82 -20.60
N GLU A 212 -6.59 4.80 -21.45
CA GLU A 212 -7.18 4.88 -22.77
C GLU A 212 -8.67 5.22 -22.69
N LYS A 213 -9.40 4.57 -21.79
CA LYS A 213 -10.84 4.76 -21.71
C LYS A 213 -11.28 6.01 -20.92
N ILE A 214 -10.39 6.55 -20.08
CA ILE A 214 -10.67 7.79 -19.36
C ILE A 214 -10.70 8.98 -20.31
N LYS A 215 -11.82 9.70 -20.35
CA LYS A 215 -11.94 10.89 -21.20
C LYS A 215 -11.58 12.20 -20.49
N ALA A 216 -11.76 12.25 -19.18
CA ALA A 216 -11.27 13.39 -18.40
C ALA A 216 -9.76 13.55 -18.58
N ARG A 217 -9.24 14.75 -18.36
CA ARG A 217 -7.80 14.94 -18.18
C ARG A 217 -7.38 14.35 -16.83
N SER A 218 -6.29 13.61 -16.80
CA SER A 218 -5.86 12.89 -15.59
C SER A 218 -4.56 13.40 -14.98
N PHE A 219 -4.57 13.73 -13.70
CA PHE A 219 -3.35 14.23 -13.09
C PHE A 219 -2.84 13.34 -11.99
N THR A 220 -1.53 13.23 -11.93
CA THR A 220 -0.89 12.59 -10.80
C THR A 220 -0.25 13.66 -9.94
N LEU A 221 -0.53 13.58 -8.65
CA LEU A 221 0.07 14.47 -7.67
C LEU A 221 0.78 13.52 -6.69
N ASN A 222 2.05 13.25 -7.00
CA ASN A 222 2.82 12.20 -6.36
C ASN A 222 3.65 12.77 -5.19
N VAL A 224 6.04 12.86 -1.74
CA VAL A 224 7.10 12.18 -0.99
C VAL A 224 7.29 12.92 0.33
N TYR A 225 7.49 12.19 1.42
CA TYR A 225 7.57 12.80 2.74
C TYR A 225 8.37 11.94 3.71
N GLU A 226 8.78 12.57 4.80
CA GLU A 226 9.34 11.85 5.93
C GLU A 226 8.33 11.80 7.06
N GLU A 227 8.47 10.79 7.91
CA GLU A 227 7.67 10.73 9.14
C GLU A 227 8.61 10.55 10.33
N GLU A 228 8.69 11.57 11.18
CA GLU A 228 9.47 11.45 12.40
C GLU A 228 8.52 11.38 13.60
N GLU A 229 8.01 12.53 14.00
CA GLU A 229 6.92 12.58 14.97
C GLU A 229 5.70 13.15 14.27
N GLU A 230 5.97 13.95 13.23
CA GLU A 230 4.96 14.44 12.32
C GLU A 230 5.39 14.10 10.88
N VAL A 231 4.50 14.37 9.93
CA VAL A 231 4.81 14.21 8.53
C VAL A 231 5.53 15.47 8.02
N ILE A 232 6.72 15.27 7.47
CA ILE A 232 7.49 16.35 6.85
C ILE A 232 7.38 16.20 5.35
N PRO A 233 6.54 17.04 4.70
CA PRO A 233 6.44 16.99 3.24
C PRO A 233 7.80 17.31 2.62
N ARG A 234 8.17 16.63 1.53
CA ARG A 234 9.47 16.82 0.92
C ARG A 234 9.39 17.07 -0.58
N ALA A 235 8.32 16.58 -1.21
CA ALA A 235 8.13 16.79 -2.65
C ALA A 235 6.71 16.47 -3.09
N LEU A 236 6.25 17.21 -4.09
CA LEU A 236 4.96 16.95 -4.74
C LEU A 236 5.23 17.00 -6.24
N TYR A 237 5.26 15.83 -6.88
CA TYR A 237 5.52 15.78 -8.31
C TYR A 237 4.20 15.72 -9.07
N ILE A 238 3.87 16.82 -9.75
CA ILE A 238 2.60 16.93 -10.46
C ILE A 238 2.80 16.68 -11.95
N ASP A 239 2.00 15.80 -12.53
CA ASP A 239 2.16 15.47 -13.94
C ASP A 239 0.85 14.97 -14.53
N GLU A 240 0.84 14.69 -15.83
CA GLU A 240 -0.45 14.45 -16.49
C GLU A 240 -0.45 13.18 -17.36
N GLY A 241 -1.57 12.46 -17.32
CA GLY A 241 -1.77 11.30 -18.17
C GLY A 241 -0.91 10.11 -17.75
N TYR A 242 -1.13 8.98 -18.42
CA TYR A 242 -0.40 7.74 -18.16
C TYR A 242 1.11 7.99 -18.05
N GLU A 243 1.69 8.59 -19.10
CA GLU A 243 3.14 8.81 -19.14
C GLU A 243 3.58 9.72 -17.99
N GLY A 244 2.70 10.63 -17.58
CA GLY A 244 2.98 11.49 -16.46
C GLY A 244 3.14 10.69 -15.18
N PHE A 245 2.26 9.69 -15.01
CA PHE A 245 2.27 8.86 -13.83
C PHE A 245 3.62 8.16 -13.71
N LEU A 246 4.08 7.65 -14.85
CA LEU A 246 5.39 6.99 -14.96
C LEU A 246 6.55 7.91 -14.58
N ARG A 247 6.57 9.13 -15.13
CA ARG A 247 7.64 10.10 -14.82
C ARG A 247 7.66 10.51 -13.35
N ALA A 248 6.49 10.93 -12.84
CA ALA A 248 6.35 11.36 -11.45
C ALA A 248 6.75 10.25 -10.47
N TYR A 249 6.37 9.01 -10.80
CA TYR A 249 6.73 7.82 -10.00
C TYR A 249 8.24 7.57 -9.96
N GLU A 250 8.90 7.75 -11.10
CA GLU A 250 10.35 7.51 -11.19
C GLU A 250 11.12 8.57 -10.40
N LYS A 251 10.71 9.81 -10.53
CA LYS A 251 11.31 10.87 -9.73
C LYS A 251 11.06 10.60 -8.27
N ALA A 252 9.82 10.25 -7.93
CA ALA A 252 9.45 9.93 -6.55
C ALA A 252 10.37 8.87 -5.94
N CYS A 253 10.57 7.78 -6.68
CA CYS A 253 11.37 6.67 -6.19
C CYS A 253 12.83 7.04 -5.91
N GLU A 254 13.38 7.91 -6.76
CA GLU A 254 14.75 8.40 -6.58
C GLU A 254 14.89 9.18 -5.28
N LEU A 255 13.90 9.99 -4.93
CA LEU A 255 13.94 10.73 -3.68
C LEU A 255 13.70 9.81 -2.49
N SER A 256 12.63 9.01 -2.58
CA SER A 256 12.31 8.01 -1.56
C SER A 256 13.48 7.06 -1.25
N SER A 257 14.21 6.63 -2.28
CA SER A 257 15.33 5.72 -2.07
C SER A 257 16.48 6.36 -1.26
N GLN A 258 16.50 7.69 -1.17
CA GLN A 258 17.55 8.39 -0.45
C GLN A 258 17.07 8.74 0.95
N LEU A 259 15.75 8.79 1.12
CA LEU A 259 15.16 9.28 2.36
C LEU A 259 14.60 8.16 3.23
N HIS A 260 14.17 7.07 2.61
CA HIS A 260 13.40 6.05 3.34
C HIS A 260 14.16 4.76 3.70
N VAL A 261 15.46 4.76 3.50
CA VAL A 261 16.26 3.60 3.92
C VAL A 261 17.14 3.92 5.15
N LYS A 262 16.91 3.17 6.24
CA LYS A 262 17.75 3.22 7.43
C LYS A 262 18.85 2.17 7.35
N TYR A 263 20.07 2.56 7.70
CA TYR A 263 21.19 1.62 7.65
C TYR A 263 21.65 1.22 9.05
N ILE A 264 21.99 -0.05 9.21
CA ILE A 264 22.58 -0.56 10.43
C ILE A 264 23.80 -1.41 10.05
N ASP A 265 24.66 -1.68 11.01
CA ASP A 265 25.91 -2.37 10.69
C ASP A 265 25.97 -3.81 11.21
N ARG A 266 25.12 -4.14 12.18
CA ARG A 266 25.04 -5.49 12.72
C ARG A 266 23.64 -6.02 12.53
N PRO A 267 23.51 -7.31 12.17
CA PRO A 267 22.19 -7.96 12.15
C PRO A 267 21.49 -7.83 13.50
N LEU A 268 20.17 -7.69 13.48
CA LEU A 268 19.42 -7.52 14.74
C LEU A 268 18.97 -8.86 15.33
N ARG A 269 19.05 -8.98 16.65
CA ARG A 269 18.51 -10.16 17.32
C ARG A 269 17.08 -9.89 17.78
N ARG A 270 16.79 -8.62 18.02
CA ARG A 270 15.44 -8.20 18.44
C ARG A 270 15.09 -6.87 17.79
N ALA A 271 13.90 -6.81 17.21
CA ALA A 271 13.37 -5.57 16.67
C ALA A 271 11.91 -5.43 17.12
N VAL A 272 11.60 -4.33 17.79
CA VAL A 272 10.21 -4.04 18.12
C VAL A 272 9.70 -2.97 17.16
N GLN A 273 8.74 -3.37 16.31
CA GLN A 273 8.09 -2.43 15.42
C GLN A 273 6.93 -1.75 16.14
N VAL A 274 7.12 -0.48 16.49
CA VAL A 274 6.12 0.25 17.28
C VAL A 274 5.00 0.81 16.37
N ILE A 275 3.88 0.11 16.29
CA ILE A 275 2.87 0.38 15.26
C ILE A 275 1.85 1.45 15.68
N GLY A 276 1.60 2.42 14.80
CA GLY A 276 0.63 3.47 15.05
C GLY A 276 -0.83 3.04 14.83
N GLU A 277 -1.75 3.89 15.32
CA GLU A 277 -3.19 3.71 15.18
C GLU A 277 -3.63 3.46 13.73
N GLU A 278 -2.87 4.00 12.77
CA GLU A 278 -3.24 3.93 11.35
C GLU A 278 -3.27 2.49 10.81
N TYR A 279 -2.46 1.61 11.39
CA TYR A 279 -2.48 0.21 10.99
C TYR A 279 -3.48 -0.56 11.86
N ASP A 280 -4.59 -0.94 11.23
CA ASP A 280 -5.82 -1.32 11.90
C ASP A 280 -5.85 -2.81 12.26
N GLU A 281 -5.00 -3.57 11.59
CA GLU A 281 -5.13 -5.01 11.57
C GLU A 281 -3.82 -5.54 11.06
N VAL A 282 -3.63 -6.86 11.16
CA VAL A 282 -2.37 -7.49 10.79
C VAL A 282 -2.00 -7.24 9.33
N TRP A 283 -3.02 -7.21 8.46
CA TRP A 283 -2.84 -6.92 7.04
C TRP A 283 -1.92 -5.72 6.82
N THR A 284 -2.12 -4.64 7.57
CA THR A 284 -1.20 -3.51 7.44
C THR A 284 -0.06 -3.53 8.46
N ALA A 285 -0.32 -4.03 9.67
CA ALA A 285 0.74 -4.03 10.68
C ALA A 285 1.89 -4.97 10.29
N GLY A 286 1.61 -5.88 9.35
CA GLY A 286 2.62 -6.76 8.78
C GLY A 286 3.80 -6.01 8.14
N LYS A 287 3.60 -4.73 7.77
CA LYS A 287 4.69 -3.85 7.34
C LYS A 287 5.90 -3.87 8.29
N GLY A 288 5.61 -4.10 9.58
CA GLY A 288 6.66 -4.27 10.58
C GLY A 288 7.62 -5.39 10.24
N SER A 289 7.10 -6.51 9.74
CA SER A 289 7.97 -7.59 9.29
C SER A 289 8.64 -7.28 7.93
N TYR A 290 7.86 -6.82 6.94
CA TYR A 290 8.40 -6.62 5.59
C TYR A 290 9.62 -5.68 5.58
N LYS A 291 9.57 -4.62 6.39
CA LYS A 291 10.63 -3.61 6.35
C LYS A 291 11.95 -4.10 6.93
N LEU A 292 11.94 -5.29 7.51
CA LEU A 292 13.14 -5.84 8.13
C LEU A 292 13.67 -7.09 7.40
N GLN A 293 13.23 -7.32 6.17
CA GLN A 293 13.54 -8.59 5.48
C GLN A 293 14.63 -8.56 4.41
N ARG A 294 15.27 -7.41 4.17
CA ARG A 294 16.50 -7.42 3.39
C ARG A 294 17.50 -8.40 4.00
N PRO A 295 18.29 -9.05 3.13
CA PRO A 295 19.18 -10.10 3.66
C PRO A 295 20.21 -9.51 4.62
N GLY A 296 20.42 -10.18 5.76
CA GLY A 296 21.37 -9.73 6.74
C GLY A 296 20.82 -8.78 7.81
N VAL A 297 19.61 -8.27 7.60
CA VAL A 297 19.05 -7.31 8.57
C VAL A 297 18.67 -7.99 9.90
N ALA A 299 19.17 -11.25 12.43
CA ALA A 299 19.99 -12.40 12.74
C ALA A 299 19.13 -13.67 12.62
N LYS A 300 19.71 -14.77 12.14
CA LYS A 300 19.03 -16.06 12.16
C LYS A 300 18.53 -16.32 13.60
N GLY A 301 17.25 -16.63 13.75
CA GLY A 301 16.65 -16.76 15.07
C GLY A 301 16.24 -15.42 15.67
N GLY A 302 16.40 -14.35 14.89
CA GLY A 302 16.03 -13.03 15.36
C GLY A 302 14.53 -12.91 15.56
N GLN A 303 14.13 -11.99 16.43
CA GLN A 303 12.73 -11.79 16.72
C GLN A 303 12.24 -10.47 16.16
N ILE A 304 11.19 -10.55 15.34
CA ILE A 304 10.41 -9.36 15.01
C ILE A 304 9.14 -9.33 15.86
N ILE A 305 9.00 -8.28 16.65
CA ILE A 305 7.84 -8.09 17.51
C ILE A 305 6.99 -6.92 17.01
N ILE A 306 5.79 -7.25 16.59
CA ILE A 306 4.86 -6.24 16.09
C ILE A 306 4.03 -5.75 17.26
N TYR A 307 4.43 -4.60 17.79
CA TYR A 307 3.81 -4.09 19.00
C TYR A 307 2.67 -3.16 18.60
N ALA A 308 1.44 -3.62 18.86
CA ALA A 308 0.22 -2.93 18.44
C ALA A 308 -0.95 -3.36 19.32
N PRO A 309 -0.99 -2.84 20.57
CA PRO A 309 -1.97 -3.26 21.58
C PRO A 309 -3.43 -3.11 21.15
N HIS A 310 -3.68 -2.26 20.16
CA HIS A 310 -5.05 -1.95 19.74
C HIS A 310 -5.61 -2.96 18.74
N ILE A 311 -4.73 -3.69 18.07
CA ILE A 311 -5.16 -4.58 16.99
C ILE A 311 -5.82 -5.85 17.53
N LYS A 312 -6.94 -6.23 16.91
CA LYS A 312 -7.67 -7.42 17.34
C LYS A 312 -8.18 -8.29 16.17
N ARG A 313 -7.71 -8.00 14.96
CA ARG A 313 -8.11 -8.79 13.78
C ARG A 313 -6.99 -8.87 12.73
N PHE A 314 -7.13 -9.80 11.78
CA PHE A 314 -6.12 -9.95 10.74
C PHE A 314 -6.49 -9.15 9.50
N HIS A 315 -7.77 -9.16 9.15
CA HIS A 315 -8.29 -8.38 8.02
C HIS A 315 -9.70 -7.94 8.42
N SER A 316 -10.18 -6.83 7.87
CA SER A 316 -11.51 -6.35 8.24
C SER A 316 -12.62 -7.05 7.44
N ASN A 317 -12.27 -7.52 6.24
CA ASN A 317 -13.16 -8.34 5.44
C ASN A 317 -13.28 -9.76 6.05
N PRO A 318 -14.47 -10.13 6.56
CA PRO A 318 -14.66 -11.36 7.35
C PRO A 318 -14.17 -12.60 6.62
N GLN A 319 -14.45 -12.63 5.32
CA GLN A 319 -14.05 -13.75 4.49
C GLN A 319 -12.53 -13.87 4.44
N ASP A 321 -10.33 -12.55 6.48
CA ASP A 321 -9.95 -12.87 7.85
C ASP A 321 -10.04 -14.39 8.15
N LYS A 322 -11.17 -15.00 7.73
CA LYS A 322 -11.35 -16.46 7.81
C LYS A 322 -10.25 -17.17 7.04
N TRP A 323 -9.96 -16.65 5.85
CA TRP A 323 -8.96 -17.28 4.99
C TRP A 323 -7.56 -17.24 5.61
N ILE A 324 -7.18 -16.08 6.14
CA ILE A 324 -5.90 -15.94 6.82
C ILE A 324 -5.74 -16.97 7.95
N ARG A 325 -6.76 -17.09 8.80
CA ARG A 325 -6.77 -18.05 9.91
C ARG A 325 -6.77 -19.51 9.44
N GLU A 326 -7.40 -19.81 8.31
CA GLU A 326 -7.37 -21.16 7.75
C GLU A 326 -5.94 -21.61 7.42
N ILE A 327 -5.27 -20.84 6.56
CA ILE A 327 -3.94 -21.24 6.13
C ILE A 327 -2.85 -20.94 7.18
N GLY A 328 -2.99 -19.84 7.91
CA GLY A 328 -1.99 -19.44 8.88
C GLY A 328 -0.68 -18.99 8.21
N TYR A 329 0.30 -18.62 9.03
CA TYR A 329 1.50 -17.98 8.52
C TYR A 329 2.66 -18.95 8.31
N HIS A 330 3.10 -19.07 7.06
CA HIS A 330 4.08 -20.08 6.68
C HIS A 330 5.00 -19.58 5.57
N CYS A 331 6.07 -20.34 5.31
CA CYS A 331 7.05 -19.99 4.30
C CYS A 331 6.51 -20.29 2.90
N LYS A 332 7.24 -19.81 1.89
CA LYS A 332 6.79 -19.90 0.52
C LYS A 332 6.57 -21.33 0.06
N ASP A 333 7.48 -22.23 0.42
CA ASP A 333 7.39 -23.61 -0.05
C ASP A 333 6.23 -24.38 0.59
N TYR A 334 5.90 -24.05 1.83
CA TYR A 334 4.71 -24.62 2.46
C TYR A 334 3.44 -24.14 1.74
N VAL A 335 3.42 -22.86 1.37
CA VAL A 335 2.22 -22.26 0.80
C VAL A 335 1.94 -22.78 -0.62
N LYS A 336 2.99 -22.89 -1.43
CA LYS A 336 2.89 -23.49 -2.76
C LYS A 336 2.32 -24.90 -2.67
N TRP A 337 2.76 -25.65 -1.66
CA TRP A 337 2.25 -26.98 -1.41
C TRP A 337 0.77 -26.93 -1.03
N TYR A 338 0.42 -25.97 -0.19
CA TYR A 338 -0.95 -25.83 0.29
C TYR A 338 -1.88 -25.51 -0.90
N LEU A 339 -1.35 -24.78 -1.89
CA LEU A 339 -2.12 -24.43 -3.07
C LEU A 339 -2.26 -25.58 -4.08
N LYS A 340 -1.33 -26.53 -4.03
CA LYS A 340 -1.53 -27.76 -4.78
C LYS A 340 -2.74 -28.46 -4.19
N LYS A 341 -2.84 -28.48 -2.86
CA LYS A 341 -3.98 -29.09 -2.16
C LYS A 341 -5.26 -28.28 -2.27
N HIS A 342 -5.14 -26.95 -2.26
CA HIS A 342 -6.30 -26.06 -2.27
C HIS A 342 -6.19 -25.03 -3.40
N PRO A 343 -6.34 -25.49 -4.65
CA PRO A 343 -6.01 -24.66 -5.82
C PRO A 343 -6.93 -23.43 -5.96
N ASP A 344 -8.08 -23.46 -5.28
CA ASP A 344 -8.99 -22.32 -5.27
C ASP A 344 -8.66 -21.24 -4.22
N PHE A 345 -7.69 -21.51 -3.34
CA PHE A 345 -7.40 -20.59 -2.23
C PHE A 345 -6.91 -19.25 -2.76
N ASN A 346 -7.37 -18.18 -2.12
CA ASN A 346 -7.09 -16.82 -2.57
C ASN A 346 -5.60 -16.45 -2.52
N LYS A 347 -5.04 -16.06 -3.65
CA LYS A 347 -3.60 -15.82 -3.77
C LYS A 347 -3.08 -14.55 -3.09
N ASN A 348 -3.99 -13.60 -2.86
CA ASN A 348 -3.63 -12.36 -2.15
C ASN A 348 -3.34 -12.71 -0.68
N VAL A 349 -4.28 -13.37 -0.02
CA VAL A 349 -4.05 -13.97 1.29
C VAL A 349 -2.80 -14.87 1.32
N ALA A 350 -2.66 -15.72 0.30
CA ALA A 350 -1.50 -16.60 0.21
C ALA A 350 -0.21 -15.76 0.21
N ALA A 351 -0.18 -14.73 -0.63
CA ALA A 351 1.01 -13.88 -0.71
C ALA A 351 1.27 -13.17 0.63
N HIS A 352 0.19 -12.68 1.25
CA HIS A 352 0.29 -11.94 2.51
C HIS A 352 1.00 -12.75 3.61
N VAL A 353 0.51 -13.97 3.79
CA VAL A 353 1.03 -14.91 4.76
C VAL A 353 2.55 -15.17 4.58
N ILE A 354 2.99 -15.44 3.35
CA ILE A 354 4.42 -15.61 3.09
C ILE A 354 5.16 -14.31 3.39
N ASN A 355 4.59 -13.20 2.93
CA ASN A 355 5.17 -11.89 3.16
C ASN A 355 5.47 -11.62 4.65
N VAL A 356 4.48 -11.89 5.50
CA VAL A 356 4.66 -11.74 6.93
C VAL A 356 5.67 -12.74 7.52
N ARG A 357 5.52 -14.02 7.19
CA ARG A 357 6.30 -15.06 7.85
C ARG A 357 7.80 -15.01 7.50
N GLY A 358 8.10 -14.62 6.26
CA GLY A 358 9.47 -14.51 5.81
C GLY A 358 10.07 -15.82 5.31
N ALA A 359 11.38 -15.81 5.09
CA ALA A 359 12.12 -16.95 4.57
C ALA A 359 12.02 -18.15 5.51
N GLY A 360 12.07 -19.34 4.92
CA GLY A 360 12.04 -20.58 5.68
C GLY A 360 12.19 -21.78 4.76
N THR A 361 12.31 -22.97 5.33
CA THR A 361 12.38 -24.20 4.55
C THR A 361 11.21 -25.12 4.83
N PHE A 362 10.85 -25.87 3.80
CA PHE A 362 9.78 -26.84 3.92
C PHE A 362 10.27 -28.20 3.42
N ASP A 363 10.39 -29.16 4.34
CA ASP A 363 10.66 -30.55 3.99
C ASP A 363 9.34 -31.18 3.53
N PRO A 364 9.25 -31.50 2.23
CA PRO A 364 8.01 -32.03 1.64
C PRO A 364 7.88 -33.54 1.80
N GLU A 365 8.77 -34.15 2.62
CA GLU A 365 8.64 -35.55 2.97
C GLU A 365 7.94 -35.63 4.32
N THR A 366 8.32 -34.70 5.18
CA THR A 366 7.88 -34.68 6.57
C THR A 366 6.89 -33.55 6.85
N GLY A 367 6.95 -32.48 6.04
CA GLY A 367 6.06 -31.35 6.24
C GLY A 367 6.57 -30.28 7.20
N LYS A 368 7.73 -30.53 7.81
CA LYS A 368 8.28 -29.65 8.82
C LYS A 368 8.84 -28.33 8.26
N GLU A 369 8.62 -27.24 9.00
CA GLU A 369 9.13 -25.93 8.62
C GLU A 369 10.18 -25.43 9.62
N GLU A 370 11.23 -24.81 9.09
CA GLU A 370 12.19 -24.07 9.90
C GLU A 370 12.18 -22.66 9.32
N PHE A 371 12.39 -21.66 10.18
CA PHE A 371 12.27 -20.27 9.73
C PHE A 371 13.53 -19.46 10.04
N GLU A 372 13.86 -18.52 9.16
CA GLU A 372 15.01 -17.66 9.39
C GLU A 372 14.84 -16.75 10.62
N PHE A 373 13.62 -16.30 10.88
CA PHE A 373 13.36 -15.47 12.07
C PHE A 373 11.97 -15.75 12.65
N ASP A 374 11.73 -15.25 13.86
CA ASP A 374 10.41 -15.38 14.50
C ASP A 374 9.61 -14.08 14.36
N VAL A 375 8.29 -14.20 14.19
CA VAL A 375 7.40 -13.04 14.13
C VAL A 375 6.41 -13.10 15.28
N ILE A 376 6.43 -12.08 16.12
CA ILE A 376 5.61 -12.11 17.33
C ILE A 376 4.57 -10.99 17.30
N LEU A 377 3.33 -11.36 17.63
CA LEU A 377 2.25 -10.39 17.73
C LEU A 377 2.10 -9.93 19.18
N ALA A 378 2.40 -8.66 19.43
CA ALA A 378 2.13 -8.05 20.73
C ALA A 378 0.91 -7.12 20.60
N THR A 379 -0.26 -7.74 20.53
CA THR A 379 -1.50 -7.03 20.20
C THR A 379 -2.60 -7.54 21.13
N SER A 380 -3.85 -7.14 20.90
CA SER A 380 -4.94 -7.65 21.72
C SER A 380 -5.57 -8.91 21.12
N ILE A 381 -4.88 -9.48 20.13
CA ILE A 381 -5.18 -10.83 19.67
C ILE A 381 -4.63 -11.81 20.72
N PRO A 382 -5.49 -12.72 21.24
CA PRO A 382 -5.02 -13.59 22.33
C PRO A 382 -3.88 -14.52 21.90
N GLU A 383 -3.07 -14.91 22.88
CA GLU A 383 -1.96 -15.83 22.65
C GLU A 383 -2.37 -17.09 21.87
N ASP A 384 -3.47 -17.71 22.29
CA ASP A 384 -3.89 -18.96 21.67
C ASP A 384 -4.31 -18.74 20.22
N GLU A 385 -4.93 -17.60 19.94
CA GLU A 385 -5.34 -17.27 18.58
C GLU A 385 -4.14 -16.95 17.70
N CYS A 386 -3.08 -16.43 18.32
CA CYS A 386 -1.80 -16.22 17.62
C CYS A 386 -1.11 -17.53 17.22
N ARG A 387 -1.00 -18.47 18.15
CA ARG A 387 -0.28 -19.69 17.82
C ARG A 387 -1.11 -20.52 16.83
N ALA A 388 -2.44 -20.41 16.93
CA ALA A 388 -3.37 -20.99 15.96
C ALA A 388 -3.00 -20.64 14.52
N VAL A 389 -2.48 -19.42 14.31
CA VAL A 389 -2.12 -18.98 12.95
C VAL A 389 -0.62 -19.03 12.76
N ASN A 390 0.04 -19.75 13.67
CA ASN A 390 1.48 -20.03 13.57
C ASN A 390 2.40 -18.80 13.83
N LEU A 391 1.92 -17.88 14.64
CA LEU A 391 2.69 -16.70 15.03
C LEU A 391 3.00 -16.71 16.54
N GLY A 392 4.04 -15.97 16.95
CA GLY A 392 4.36 -15.85 18.36
C GLY A 392 3.48 -14.84 19.08
N TYR A 393 3.65 -14.73 20.41
CA TYR A 393 2.86 -13.81 21.22
C TYR A 393 3.69 -13.13 22.32
N ASP A 395 2.62 -10.33 25.65
CA ASP A 395 1.70 -9.45 26.32
C ASP A 395 2.13 -8.03 25.99
N PRO A 396 1.24 -7.26 25.31
CA PRO A 396 1.54 -5.88 24.91
C PRO A 396 1.79 -4.96 26.11
N SER A 397 1.22 -5.30 27.27
CA SER A 397 1.38 -4.47 28.46
C SER A 397 2.77 -4.62 29.06
N LYS A 398 3.46 -5.70 28.70
CA LYS A 398 4.80 -5.95 29.24
C LYS A 398 5.92 -5.46 28.33
N ILE A 399 5.56 -4.87 27.20
CA ILE A 399 6.57 -4.36 26.26
C ILE A 399 6.95 -2.91 26.56
N LYS A 400 8.24 -2.65 26.81
CA LYS A 400 8.70 -1.29 27.17
C LYS A 400 10.06 -0.95 26.55
N LYS A 401 10.21 0.28 26.06
CA LYS A 401 11.40 0.66 25.29
C LYS A 401 12.72 0.36 26.01
N GLU A 402 12.73 0.54 27.33
CA GLU A 402 13.96 0.39 28.13
C GLU A 402 14.52 -1.04 28.08
N ASP A 403 13.66 -2.00 27.77
CA ASP A 403 14.09 -3.39 27.61
C ASP A 403 14.74 -3.63 26.25
N PHE A 404 14.79 -2.62 25.39
CA PHE A 404 15.30 -2.85 24.03
C PHE A 404 16.41 -1.92 23.57
N ASP A 406 19.80 -2.65 24.31
CA ASP A 406 21.03 -3.44 24.21
C ASP A 406 21.61 -3.37 22.80
N GLU A 407 22.87 -3.77 22.65
CA GLU A 407 23.57 -3.55 21.38
C GLU A 407 22.85 -4.10 20.13
N ASP A 408 22.20 -5.27 20.23
CA ASP A 408 21.57 -5.87 19.06
C ASP A 408 20.03 -5.92 19.11
N SER A 409 19.43 -4.97 19.80
CA SER A 409 17.98 -4.78 19.77
C SER A 409 17.65 -3.41 19.23
N LEU A 410 16.42 -3.23 18.76
CA LEU A 410 16.00 -1.95 18.19
C LEU A 410 14.53 -1.66 18.46
N TRP A 411 14.28 -0.46 18.96
CA TRP A 411 12.94 0.04 19.19
C TRP A 411 12.65 1.01 18.04
N ILE A 412 11.83 0.56 17.10
CA ILE A 412 11.58 1.28 15.86
C ILE A 412 10.31 2.12 15.94
N VAL A 413 10.48 3.44 15.93
CA VAL A 413 9.38 4.39 15.88
C VAL A 413 9.66 5.40 14.79
N PRO A 414 8.69 5.61 13.87
CA PRO A 414 7.43 4.87 13.78
C PRO A 414 7.59 3.54 13.05
N GLY A 415 6.85 2.54 13.51
CA GLY A 415 7.05 1.20 13.00
C GLY A 415 6.48 0.95 11.62
N GLY A 416 7.19 0.10 10.86
CA GLY A 416 6.72 -0.33 9.56
C GLY A 416 6.84 0.71 8.47
N LYS A 417 7.52 1.82 8.77
CA LYS A 417 7.63 2.92 7.80
C LYS A 417 8.92 2.82 6.97
N TYR A 418 10.06 2.86 7.66
CA TYR A 418 11.38 2.85 6.99
C TYR A 418 11.88 1.47 6.59
N LEU A 419 12.55 1.39 5.44
CA LEU A 419 13.23 0.17 4.98
C LEU A 419 14.59 0.11 5.66
N TYR A 420 14.91 -1.04 6.25
CA TYR A 420 16.21 -1.22 6.87
C TYR A 420 17.20 -1.94 5.95
N ASP A 421 18.45 -1.51 5.96
CA ASP A 421 19.50 -2.20 5.20
C ASP A 421 20.81 -2.26 6.00
N LEU A 422 21.67 -3.20 5.65
CA LEU A 422 23.00 -3.33 6.27
C LEU A 422 23.99 -2.35 5.62
N LYS A 423 24.67 -1.56 6.45
CA LYS A 423 25.56 -0.50 5.96
C LYS A 423 26.94 -1.01 5.59
#